data_4RR5
#
_entry.id   4RR5
#
_cell.length_a   43.043
_cell.length_b   148.646
_cell.length_c   40.393
_cell.angle_alpha   90.00
_cell.angle_beta   90.00
_cell.angle_gamma   90.00
#
_symmetry.space_group_name_H-M   'P 21 21 2'
#
loop_
_entity.id
_entity.type
_entity.pdbx_description
1 polymer 'Malonyl CoA-acyl carrier protein transacylase'
2 non-polymer 'ACETATE ION'
3 water water
#
_entity_poly.entity_id   1
_entity_poly.type   'polypeptide(L)'
_entity_poly.pdbx_seq_one_letter_code
;MKTAWVFPGQGSQAVGMGVDLLSTAIAKEKYQQAEEILGWSVVEKCQGDEASLALTQNTQPCLYVIEAILADLLRDKGFQ
PDYVAGHSLGEYSALYAAGVFDFATGLQLVKQRSEVMASASGGMMAALMKFDQTQLQQALTDNTEVVLANDNSPEQVVIS
GTVAGVEAILANVKARRAVPLKVSGAFHSSFMAQPSQSFAQTLTACHFNDATVPVLSNVDPSPTQNGDRLKEKLIQQMTG
SVRWRETMVNLGEIGATDYWEVGPGKVLTGLCKRTCPDLNLKNIGQLDDLNSL
;
_entity_poly.pdbx_strand_id   A
#
loop_
_chem_comp.id
_chem_comp.type
_chem_comp.name
_chem_comp.formula
ACT non-polymer 'ACETATE ION' 'C2 H3 O2 -1'
#
# COMPACT_ATOMS: atom_id res chain seq x y z
N MET A 1 15.93 9.02 -18.82
CA MET A 1 14.95 9.18 -17.75
C MET A 1 14.09 7.92 -17.59
N LYS A 2 13.89 7.49 -16.35
CA LYS A 2 13.01 6.38 -16.05
C LYS A 2 12.15 6.71 -14.83
N THR A 3 10.83 6.47 -14.92
CA THR A 3 9.94 6.89 -13.85
C THR A 3 9.22 5.72 -13.19
N ALA A 4 9.28 5.69 -11.86
CA ALA A 4 8.48 4.79 -11.04
C ALA A 4 7.15 5.43 -10.61
N TRP A 5 6.05 4.67 -10.69
CA TRP A 5 4.80 5.07 -10.04
C TRP A 5 4.62 4.20 -8.82
N VAL A 6 4.51 4.83 -7.65
CA VAL A 6 4.31 4.08 -6.41
C VAL A 6 3.00 4.46 -5.75
N PHE A 7 2.30 3.45 -5.23
CA PHE A 7 0.94 3.64 -4.72
C PHE A 7 0.82 3.52 -3.19
N PRO A 8 0.33 4.58 -2.55
CA PRO A 8 0.25 4.56 -1.08
C PRO A 8 -0.86 3.66 -0.54
N GLY A 9 -0.69 3.16 0.67
CA GLY A 9 -1.70 2.31 1.27
C GLY A 9 -2.36 2.97 2.46
N GLN A 10 -2.81 2.11 3.38
CA GLN A 10 -3.53 2.49 4.59
C GLN A 10 -2.78 3.56 5.35
N GLY A 11 -3.49 4.57 5.84
CA GLY A 11 -2.86 5.69 6.51
C GLY A 11 -2.66 6.90 5.64
N SER A 12 -2.73 6.76 4.32
CA SER A 12 -2.61 7.90 3.40
C SER A 12 -3.95 8.53 3.03
N GLN A 13 -5.03 7.89 3.44
CA GLN A 13 -6.34 8.43 3.13
C GLN A 13 -6.57 9.73 3.90
N ALA A 14 -7.29 10.66 3.27
CA ALA A 14 -7.75 11.87 3.93
C ALA A 14 -9.16 12.19 3.40
N VAL A 15 -9.92 12.95 4.17
CA VAL A 15 -11.28 13.30 3.80
C VAL A 15 -11.23 14.21 2.56
N GLY A 16 -12.07 13.91 1.58
CA GLY A 16 -12.11 14.71 0.38
C GLY A 16 -11.23 14.17 -0.72
N MET A 17 -10.42 13.16 -0.41
CA MET A 17 -9.55 12.59 -1.43
C MET A 17 -10.37 12.08 -2.61
N GLY A 18 -9.85 12.27 -3.82
CA GLY A 18 -10.49 11.76 -5.01
C GLY A 18 -11.67 12.58 -5.49
N VAL A 19 -12.19 13.46 -4.64
CA VAL A 19 -13.46 14.10 -4.96
C VAL A 19 -13.33 15.09 -6.11
N ASP A 20 -12.21 15.79 -6.19
CA ASP A 20 -11.99 16.71 -7.30
C ASP A 20 -11.80 15.99 -8.62
N LEU A 21 -11.56 14.68 -8.59
CA LEU A 21 -11.30 13.91 -9.81
C LEU A 21 -12.56 13.72 -10.63
N LEU A 22 -13.69 13.93 -9.97
CA LEU A 22 -15.03 13.61 -10.46
C LEU A 22 -15.46 14.36 -11.73
N SER A 23 -14.79 15.46 -12.05
CA SER A 23 -15.13 16.18 -13.26
C SER A 23 -14.52 15.51 -14.50
N THR A 24 -13.60 14.57 -14.32
CA THR A 24 -13.08 13.80 -15.46
C THR A 24 -14.04 12.64 -15.80
N ALA A 25 -14.19 12.36 -17.09
CA ALA A 25 -15.02 11.25 -17.54
C ALA A 25 -14.51 9.91 -17.02
N ILE A 26 -13.18 9.75 -17.03
CA ILE A 26 -12.52 8.54 -16.55
C ILE A 26 -12.89 8.25 -15.09
N ALA A 27 -12.80 9.25 -14.23
CA ALA A 27 -13.18 9.10 -12.82
C ALA A 27 -14.66 8.82 -12.64
N LYS A 28 -15.51 9.56 -13.36
CA LYS A 28 -16.96 9.41 -13.22
C LYS A 28 -17.31 7.95 -13.45
N GLU A 29 -16.86 7.43 -14.59
CA GLU A 29 -17.08 6.06 -15.01
C GLU A 29 -16.61 5.04 -13.95
N LYS A 30 -15.34 5.07 -13.60
CA LYS A 30 -14.82 4.10 -12.64
C LYS A 30 -15.49 4.18 -11.26
N TYR A 31 -15.86 5.38 -10.84
CA TYR A 31 -16.62 5.54 -9.60
C TYR A 31 -17.93 4.78 -9.69
N GLN A 32 -18.57 4.81 -10.85
CA GLN A 32 -19.86 4.15 -11.03
C GLN A 32 -19.68 2.65 -11.05
N GLN A 33 -18.63 2.19 -11.75
CA GLN A 33 -18.21 0.79 -11.68
C GLN A 33 -17.94 0.36 -10.24
N ALA A 34 -17.19 1.16 -9.49
CA ALA A 34 -16.91 0.81 -8.11
C ALA A 34 -18.21 0.74 -7.31
N GLU A 35 -19.16 1.61 -7.62
CA GLU A 35 -20.39 1.65 -6.83
C GLU A 35 -21.23 0.37 -7.05
N GLU A 36 -21.33 -0.10 -8.30
CA GLU A 36 -22.06 -1.34 -8.57
C GLU A 36 -21.36 -2.55 -7.95
N ILE A 37 -20.04 -2.60 -8.03
CA ILE A 37 -19.26 -3.69 -7.44
C ILE A 37 -19.30 -3.72 -5.90
N LEU A 38 -19.22 -2.54 -5.29
CA LEU A 38 -19.10 -2.47 -3.84
C LEU A 38 -20.43 -2.36 -3.13
N GLY A 39 -21.42 -1.82 -3.81
CA GLY A 39 -22.71 -1.56 -3.19
C GLY A 39 -22.79 -0.25 -2.44
N TRP A 40 -21.74 0.57 -2.56
CA TRP A 40 -21.75 1.90 -1.96
C TRP A 40 -20.80 2.81 -2.71
N SER A 41 -21.06 4.11 -2.64
CA SER A 41 -20.30 5.08 -3.41
C SER A 41 -18.95 5.42 -2.76
N VAL A 42 -17.88 5.28 -3.53
CA VAL A 42 -16.55 5.68 -3.04
C VAL A 42 -16.49 7.20 -2.83
N VAL A 43 -17.08 7.98 -3.73
CA VAL A 43 -17.12 9.44 -3.59
C VAL A 43 -17.78 9.84 -2.29
N GLU A 44 -18.96 9.29 -2.05
CA GLU A 44 -19.71 9.62 -0.83
C GLU A 44 -18.90 9.28 0.41
N LYS A 45 -18.29 8.10 0.42
CA LYS A 45 -17.55 7.62 1.58
C LYS A 45 -16.29 8.43 1.86
N CYS A 46 -15.66 8.97 0.81
CA CYS A 46 -14.46 9.78 0.99
C CYS A 46 -14.78 11.16 1.57
N GLN A 47 -16.05 11.52 1.59
CA GLN A 47 -16.46 12.82 2.08
C GLN A 47 -17.12 12.70 3.43
N GLY A 48 -17.01 11.51 4.01
CA GLY A 48 -17.64 11.23 5.29
C GLY A 48 -16.75 11.53 6.48
N ASP A 49 -17.15 11.00 7.62
CA ASP A 49 -16.40 11.12 8.83
C ASP A 49 -14.99 10.57 8.69
N GLU A 50 -14.03 11.26 9.30
CA GLU A 50 -12.62 10.85 9.27
C GLU A 50 -12.38 9.43 9.82
N ALA A 51 -12.77 9.20 11.07
CA ALA A 51 -12.61 7.90 11.70
C ALA A 51 -13.22 6.79 10.86
N SER A 52 -14.44 7.02 10.39
CA SER A 52 -15.13 6.08 9.50
C SER A 52 -14.34 5.77 8.22
N LEU A 53 -13.66 6.78 7.65
CA LEU A 53 -12.88 6.58 6.44
C LEU A 53 -11.64 5.74 6.73
N ALA A 54 -11.18 5.80 7.97
CA ALA A 54 -9.95 5.13 8.35
C ALA A 54 -10.18 3.64 8.61
N LEU A 55 -11.45 3.24 8.79
CA LEU A 55 -11.78 1.82 8.90
C LEU A 55 -11.34 1.10 7.62
N THR A 56 -10.45 0.12 7.76
CA THR A 56 -9.75 -0.48 6.63
C THR A 56 -10.69 -1.06 5.55
N GLN A 57 -11.91 -1.44 5.93
CA GLN A 57 -12.89 -1.96 4.96
C GLN A 57 -13.46 -0.86 4.06
N ASN A 58 -13.34 0.39 4.51
CA ASN A 58 -13.63 1.54 3.65
C ASN A 58 -12.36 2.00 2.93
N THR A 59 -11.30 2.18 3.71
CA THR A 59 -10.07 2.77 3.21
C THR A 59 -9.48 2.02 2.02
N GLN A 60 -9.43 0.70 2.11
CA GLN A 60 -8.71 -0.03 1.09
C GLN A 60 -9.41 0.11 -0.27
N PRO A 61 -10.70 -0.25 -0.37
CA PRO A 61 -11.26 -0.06 -1.72
C PRO A 61 -11.31 1.41 -2.15
N CYS A 62 -11.47 2.34 -1.20
CA CYS A 62 -11.41 3.75 -1.56
C CYS A 62 -10.05 4.14 -2.16
N LEU A 63 -8.96 3.75 -1.50
CA LEU A 63 -7.62 4.08 -2.01
C LEU A 63 -7.35 3.40 -3.34
N TYR A 64 -7.81 2.16 -3.49
CA TYR A 64 -7.59 1.44 -4.73
C TYR A 64 -8.32 2.10 -5.89
N VAL A 65 -9.59 2.47 -5.69
CA VAL A 65 -10.38 3.03 -6.77
C VAL A 65 -9.80 4.37 -7.21
N ILE A 66 -9.39 5.18 -6.23
CA ILE A 66 -8.83 6.49 -6.52
C ILE A 66 -7.48 6.38 -7.22
N GLU A 67 -6.63 5.50 -6.71
CA GLU A 67 -5.33 5.24 -7.30
C GLU A 67 -5.44 4.71 -8.74
N ALA A 68 -6.35 3.76 -8.98
CA ALA A 68 -6.60 3.30 -10.36
C ALA A 68 -7.10 4.45 -11.24
N ILE A 69 -7.92 5.34 -10.68
CA ILE A 69 -8.38 6.50 -11.45
C ILE A 69 -7.21 7.42 -11.78
N LEU A 70 -6.37 7.71 -10.79
CA LEU A 70 -5.18 8.52 -11.03
C LEU A 70 -4.24 7.91 -12.08
N ALA A 71 -4.05 6.60 -12.03
CA ALA A 71 -3.21 5.92 -13.01
C ALA A 71 -3.74 6.11 -14.43
N ASP A 72 -5.06 5.98 -14.59
CA ASP A 72 -5.64 6.13 -15.91
C ASP A 72 -5.62 7.59 -16.35
N LEU A 73 -5.76 8.51 -15.42
CA LEU A 73 -5.69 9.93 -15.74
C LEU A 73 -4.29 10.29 -16.24
N LEU A 74 -3.27 9.77 -15.57
CA LEU A 74 -1.88 9.90 -16.01
C LEU A 74 -1.66 9.35 -17.41
N ARG A 75 -2.18 8.15 -17.65
CA ARG A 75 -2.10 7.54 -18.97
C ARG A 75 -2.74 8.42 -20.03
N ASP A 76 -3.95 8.90 -19.76
CA ASP A 76 -4.64 9.77 -20.69
C ASP A 76 -3.83 11.03 -21.05
N LYS A 77 -3.10 11.58 -20.09
CA LYS A 77 -2.21 12.72 -20.36
C LYS A 77 -0.96 12.30 -21.14
N GLY A 78 -0.79 11.01 -21.39
CA GLY A 78 0.37 10.54 -22.12
C GLY A 78 1.50 9.93 -21.29
N PHE A 79 1.54 10.22 -19.99
CA PHE A 79 2.59 9.67 -19.13
C PHE A 79 2.44 8.17 -18.90
N GLN A 80 3.57 7.47 -18.84
CA GLN A 80 3.59 6.03 -18.62
C GLN A 80 4.69 5.66 -17.66
N PRO A 81 4.48 4.60 -16.85
CA PRO A 81 5.45 4.19 -15.84
C PRO A 81 6.52 3.27 -16.42
N ASP A 82 7.74 3.36 -15.90
CA ASP A 82 8.76 2.38 -16.25
C ASP A 82 8.73 1.27 -15.21
N TYR A 83 8.55 1.64 -13.95
CA TYR A 83 8.43 0.70 -12.85
C TYR A 83 7.20 1.00 -11.99
N VAL A 84 6.56 -0.04 -11.47
CA VAL A 84 5.48 0.14 -10.48
C VAL A 84 5.74 -0.60 -9.16
N ALA A 85 5.22 -0.04 -8.08
CA ALA A 85 5.20 -0.69 -6.77
C ALA A 85 4.05 -0.06 -5.96
N GLY A 86 3.68 -0.68 -4.85
CA GLY A 86 2.62 -0.14 -4.01
C GLY A 86 2.75 -0.64 -2.60
N HIS A 87 2.38 0.19 -1.65
CA HIS A 87 2.58 -0.17 -0.25
C HIS A 87 1.38 -0.89 0.32
N SER A 88 1.55 -2.19 0.54
CA SER A 88 0.50 -3.09 1.01
C SER A 88 -0.68 -3.07 0.04
N LEU A 89 -1.77 -2.40 0.43
CA LEU A 89 -2.92 -2.18 -0.45
C LEU A 89 -2.45 -1.59 -1.80
N GLY A 90 -1.51 -0.66 -1.75
CA GLY A 90 -0.93 -0.07 -2.94
C GLY A 90 -0.54 -1.07 -4.03
N GLU A 91 -0.07 -2.24 -3.62
CA GLU A 91 0.38 -3.28 -4.54
C GLU A 91 -0.72 -3.64 -5.53
N TYR A 92 -1.97 -3.70 -5.03
CA TYR A 92 -3.12 -3.98 -5.88
C TYR A 92 -3.28 -2.90 -6.95
N SER A 93 -3.16 -1.65 -6.54
CA SER A 93 -3.20 -0.55 -7.49
C SER A 93 -2.06 -0.67 -8.49
N ALA A 94 -0.87 -1.03 -8.00
CA ALA A 94 0.28 -1.20 -8.87
C ALA A 94 0.01 -2.33 -9.88
N LEU A 95 -0.51 -3.44 -9.39
CA LEU A 95 -0.84 -4.59 -10.25
C LEU A 95 -1.87 -4.23 -11.33
N TYR A 96 -2.87 -3.43 -10.98
CA TYR A 96 -3.86 -2.99 -11.96
C TYR A 96 -3.20 -2.07 -12.97
N ALA A 97 -2.31 -1.23 -12.49
CA ALA A 97 -1.64 -0.29 -13.36
C ALA A 97 -0.75 -1.01 -14.35
N ALA A 98 -0.41 -2.27 -14.05
CA ALA A 98 0.55 -3.02 -14.86
C ALA A 98 -0.14 -4.08 -15.69
N GLY A 99 -1.47 -4.11 -15.67
CA GLY A 99 -2.23 -4.96 -16.57
C GLY A 99 -2.41 -6.38 -16.11
N VAL A 100 -2.07 -6.62 -14.85
CA VAL A 100 -2.08 -7.97 -14.29
C VAL A 100 -3.50 -8.48 -14.13
N PHE A 101 -4.39 -7.58 -13.72
CA PHE A 101 -5.83 -7.83 -13.75
C PHE A 101 -6.51 -6.53 -14.08
N ASP A 102 -7.77 -6.61 -14.51
CA ASP A 102 -8.52 -5.41 -14.84
C ASP A 102 -9.04 -4.69 -13.60
N PHE A 103 -9.57 -3.50 -13.81
CA PHE A 103 -10.11 -2.69 -12.72
C PHE A 103 -11.05 -3.48 -11.81
N ALA A 104 -12.11 -4.05 -12.36
CA ALA A 104 -13.13 -4.74 -11.57
C ALA A 104 -12.60 -5.93 -10.76
N THR A 105 -11.76 -6.78 -11.38
CA THR A 105 -11.21 -7.94 -10.69
C THR A 105 -10.43 -7.48 -9.48
N GLY A 106 -9.69 -6.39 -9.66
CA GLY A 106 -8.88 -5.84 -8.60
C GLY A 106 -9.70 -5.34 -7.44
N LEU A 107 -10.78 -4.63 -7.74
CA LEU A 107 -11.65 -4.06 -6.71
C LEU A 107 -12.29 -5.19 -5.91
N GLN A 108 -12.72 -6.26 -6.59
CA GLN A 108 -13.30 -7.38 -5.87
C GLN A 108 -12.28 -8.03 -4.91
N LEU A 109 -11.03 -8.19 -5.37
CA LEU A 109 -9.96 -8.67 -4.50
C LEU A 109 -9.75 -7.76 -3.29
N VAL A 110 -9.65 -6.46 -3.55
CA VAL A 110 -9.43 -5.51 -2.47
C VAL A 110 -10.56 -5.54 -1.47
N LYS A 111 -11.78 -5.64 -1.99
CA LYS A 111 -12.97 -5.68 -1.14
C LYS A 111 -12.91 -6.86 -0.20
N GLN A 112 -12.55 -8.02 -0.72
CA GLN A 112 -12.47 -9.22 0.10
C GLN A 112 -11.30 -9.11 1.06
N ARG A 113 -10.16 -8.68 0.54
CA ARG A 113 -8.95 -8.53 1.34
C ARG A 113 -9.21 -7.70 2.58
N SER A 114 -9.89 -6.56 2.36
CA SER A 114 -10.12 -5.58 3.42
C SER A 114 -11.18 -6.07 4.40
N GLU A 115 -12.08 -6.94 3.95
CA GLU A 115 -13.06 -7.53 4.86
C GLU A 115 -12.39 -8.52 5.81
N VAL A 116 -11.58 -9.41 5.24
CA VAL A 116 -10.76 -10.34 5.99
C VAL A 116 -9.99 -9.65 7.10
N MET A 117 -9.24 -8.60 6.74
CA MET A 117 -8.37 -7.92 7.71
C MET A 117 -9.18 -7.15 8.74
N ALA A 118 -10.31 -6.60 8.33
CA ALA A 118 -11.21 -5.91 9.25
C ALA A 118 -11.80 -6.86 10.30
N SER A 119 -12.09 -8.10 9.91
CA SER A 119 -12.63 -9.10 10.82
C SER A 119 -11.54 -9.85 11.55
N ALA A 120 -10.30 -9.67 11.10
CA ALA A 120 -9.17 -10.38 11.69
C ALA A 120 -8.51 -9.51 12.73
N SER A 121 -9.31 -9.03 13.67
CA SER A 121 -8.78 -8.15 14.68
C SER A 121 -8.43 -8.91 15.96
N GLY A 122 -8.05 -8.15 16.99
CA GLY A 122 -7.48 -8.72 18.20
C GLY A 122 -6.18 -8.02 18.56
N GLY A 123 -5.21 -8.02 17.64
CA GLY A 123 -3.90 -7.48 17.94
C GLY A 123 -3.69 -6.03 17.53
N MET A 124 -2.44 -5.65 17.30
CA MET A 124 -2.05 -4.25 17.23
C MET A 124 -0.74 -3.99 16.46
N MET A 125 -0.61 -2.81 15.84
CA MET A 125 0.63 -2.39 15.21
C MET A 125 1.06 -1.00 15.68
N ALA A 126 2.37 -0.79 15.75
CA ALA A 126 2.93 0.52 16.10
C ALA A 126 4.07 0.91 15.15
N ALA A 127 4.23 2.20 14.92
CA ALA A 127 5.33 2.67 14.09
C ALA A 127 6.43 3.27 14.97
N LEU A 128 7.66 3.17 14.52
CA LEU A 128 8.80 3.63 15.28
C LEU A 128 9.62 4.55 14.42
N MET A 129 9.81 5.78 14.87
CA MET A 129 10.59 6.72 14.08
C MET A 129 11.84 7.06 14.86
N LYS A 130 12.98 6.92 14.20
CA LYS A 130 14.28 7.23 14.78
C LYS A 130 14.59 6.35 15.98
N PHE A 131 14.93 5.09 15.72
CA PHE A 131 15.12 4.10 16.78
C PHE A 131 16.52 3.51 16.81
N ASP A 132 16.86 2.91 17.93
CA ASP A 132 18.09 2.16 18.03
C ASP A 132 17.91 0.85 17.30
N GLN A 133 18.50 0.75 16.11
CA GLN A 133 18.38 -0.46 15.29
C GLN A 133 18.87 -1.70 16.05
N THR A 134 19.90 -1.49 16.87
CA THR A 134 20.43 -2.54 17.75
C THR A 134 19.43 -2.96 18.83
N GLN A 135 18.90 -1.99 19.56
CA GLN A 135 17.90 -2.27 20.59
C GLN A 135 16.60 -2.81 20.02
N LEU A 136 16.34 -2.54 18.74
CA LEU A 136 15.16 -3.08 18.10
C LEU A 136 15.33 -4.59 17.92
N GLN A 137 16.52 -5.02 17.48
CA GLN A 137 16.78 -6.43 17.24
C GLN A 137 16.74 -7.28 18.49
N GLN A 138 17.29 -6.78 19.58
CA GLN A 138 17.26 -7.51 20.83
C GLN A 138 15.80 -7.72 21.28
N ALA A 139 14.98 -6.68 21.12
CA ALA A 139 13.60 -6.71 21.55
C ALA A 139 12.74 -7.56 20.62
N LEU A 140 13.27 -7.87 19.45
CA LEU A 140 12.54 -8.63 18.45
C LEU A 140 13.07 -10.06 18.31
N THR A 141 14.38 -10.25 18.51
CA THR A 141 14.98 -11.59 18.53
C THR A 141 14.34 -12.45 19.63
N ASP A 142 13.84 -13.62 19.22
CA ASP A 142 13.12 -14.56 20.09
C ASP A 142 11.76 -14.02 20.53
N ASN A 143 11.20 -13.07 19.79
CA ASN A 143 9.90 -12.53 20.17
C ASN A 143 8.78 -13.15 19.35
N THR A 144 8.04 -14.04 20.02
CA THR A 144 6.98 -14.81 19.41
C THR A 144 5.72 -13.98 19.23
N GLU A 145 5.64 -12.84 19.91
CA GLU A 145 4.39 -12.09 19.88
C GLU A 145 4.51 -10.79 19.08
N VAL A 146 5.73 -10.42 18.70
CA VAL A 146 5.95 -9.19 17.91
C VAL A 146 6.93 -9.38 16.74
N VAL A 147 6.54 -8.93 15.55
CA VAL A 147 7.35 -9.06 14.36
C VAL A 147 7.46 -7.71 13.61
N LEU A 148 8.40 -7.62 12.68
CA LEU A 148 8.54 -6.43 11.86
C LEU A 148 7.62 -6.56 10.63
N ALA A 149 6.75 -5.57 10.46
CA ALA A 149 5.65 -5.63 9.50
C ALA A 149 5.89 -4.71 8.30
N ASN A 150 6.44 -3.53 8.58
CA ASN A 150 6.92 -2.65 7.54
C ASN A 150 8.38 -2.35 7.78
N ASP A 151 9.17 -2.40 6.72
CA ASP A 151 10.48 -1.78 6.76
C ASP A 151 10.44 -0.63 5.77
N ASN A 152 10.24 0.58 6.29
CA ASN A 152 9.89 1.72 5.44
C ASN A 152 11.04 2.65 5.07
N SER A 153 11.81 3.09 6.05
CA SER A 153 13.01 3.90 5.80
C SER A 153 13.98 3.60 6.93
N PRO A 154 15.28 3.88 6.72
CA PRO A 154 16.26 3.71 7.80
C PRO A 154 15.81 4.27 9.15
N GLU A 155 15.01 5.33 9.10
CA GLU A 155 14.53 5.98 10.30
C GLU A 155 13.24 5.36 10.83
N GLN A 156 12.59 4.55 10.00
CA GLN A 156 11.23 4.13 10.33
C GLN A 156 10.85 2.69 9.99
N VAL A 157 10.26 2.01 10.98
CA VAL A 157 9.65 0.72 10.78
C VAL A 157 8.27 0.69 11.40
N VAL A 158 7.56 -0.40 11.13
CA VAL A 158 6.32 -0.69 11.80
C VAL A 158 6.39 -2.11 12.36
N ILE A 159 6.13 -2.27 13.64
CA ILE A 159 6.08 -3.60 14.22
C ILE A 159 4.63 -4.04 14.39
N SER A 160 4.41 -5.34 14.49
CA SER A 160 3.08 -5.91 14.50
C SER A 160 2.98 -7.07 15.47
N GLY A 161 1.83 -7.23 16.10
CA GLY A 161 1.64 -8.36 16.99
C GLY A 161 0.62 -8.17 18.09
N THR A 162 0.81 -8.90 19.19
CA THR A 162 -0.10 -8.83 20.32
C THR A 162 -0.06 -7.43 20.93
N VAL A 163 -1.17 -7.00 21.52
CA VAL A 163 -1.22 -5.69 22.18
C VAL A 163 -0.15 -5.57 23.26
N ALA A 164 -0.14 -6.55 24.16
CA ALA A 164 0.85 -6.62 25.23
C ALA A 164 2.28 -6.51 24.70
N GLY A 165 2.61 -7.35 23.70
CA GLY A 165 3.95 -7.40 23.12
C GLY A 165 4.43 -6.11 22.45
N VAL A 166 3.53 -5.46 21.73
CA VAL A 166 3.90 -4.26 20.98
C VAL A 166 4.11 -3.08 21.94
N GLU A 167 3.24 -2.99 22.95
CA GLU A 167 3.41 -2.02 24.02
C GLU A 167 4.76 -2.19 24.75
N ALA A 168 5.24 -3.42 24.85
CA ALA A 168 6.49 -3.74 25.54
C ALA A 168 7.68 -3.10 24.85
N ILE A 169 7.93 -3.55 23.62
CA ILE A 169 9.01 -3.03 22.79
C ILE A 169 8.97 -1.49 22.73
N LEU A 170 7.75 -0.93 22.73
CA LEU A 170 7.55 0.53 22.77
C LEU A 170 8.28 1.17 23.94
N ALA A 171 8.16 0.54 25.10
CA ALA A 171 8.72 1.08 26.34
C ALA A 171 10.19 0.75 26.55
N ASN A 172 10.69 -0.25 25.82
CA ASN A 172 12.08 -0.69 26.01
C ASN A 172 12.86 -0.81 24.68
N VAL A 173 12.64 0.16 23.80
CA VAL A 173 13.51 0.41 22.65
C VAL A 173 13.69 1.93 22.52
N LYS A 174 14.94 2.38 22.51
CA LYS A 174 15.19 3.81 22.38
C LYS A 174 14.74 4.28 21.01
N ALA A 175 13.86 5.28 21.06
CA ALA A 175 13.20 5.94 19.93
C ALA A 175 12.03 6.73 20.45
N ARG A 176 11.84 7.93 19.93
CA ARG A 176 10.47 8.43 19.89
C ARG A 176 10.45 9.48 18.80
N ARG A 177 9.26 9.62 18.20
CA ARG A 177 8.06 8.95 18.75
C ARG A 177 7.82 7.49 18.30
N ALA A 178 6.97 6.83 19.08
CA ALA A 178 6.55 5.45 18.89
C ALA A 178 5.02 5.42 18.95
N VAL A 179 4.40 5.39 17.79
CA VAL A 179 2.96 5.65 17.71
C VAL A 179 2.12 4.47 17.24
N PRO A 180 1.20 4.01 18.10
CA PRO A 180 0.21 3.02 17.66
C PRO A 180 -0.49 3.45 16.37
N LEU A 181 -0.53 2.56 15.39
CA LEU A 181 -1.25 2.85 14.15
C LEU A 181 -2.78 2.78 14.37
N LYS A 182 -3.54 3.48 13.54
CA LYS A 182 -4.99 3.43 13.66
C LYS A 182 -5.56 2.21 12.95
N VAL A 183 -5.03 1.05 13.32
CA VAL A 183 -5.57 -0.23 12.86
C VAL A 183 -5.59 -1.18 14.05
N SER A 184 -6.49 -2.14 14.01
CA SER A 184 -6.73 -2.99 15.17
C SER A 184 -6.43 -4.46 14.89
N GLY A 185 -5.61 -4.71 13.88
CA GLY A 185 -5.16 -6.06 13.61
C GLY A 185 -3.65 -6.21 13.62
N ALA A 186 -3.18 -7.44 13.85
CA ALA A 186 -1.77 -7.75 13.69
C ALA A 186 -1.41 -8.02 12.23
N PHE A 187 -1.60 -6.99 11.39
CA PHE A 187 -1.40 -7.11 9.96
C PHE A 187 0.05 -7.41 9.62
N HIS A 188 0.28 -8.04 8.46
CA HIS A 188 1.62 -8.36 8.00
C HIS A 188 2.40 -9.14 9.05
N SER A 189 1.79 -10.24 9.49
CA SER A 189 2.40 -11.10 10.49
C SER A 189 1.70 -12.45 10.41
N SER A 190 2.25 -13.44 11.09
CA SER A 190 1.67 -14.77 11.04
C SER A 190 0.31 -14.83 11.72
N PHE A 191 -0.08 -13.81 12.48
CA PHE A 191 -1.44 -13.77 13.02
C PHE A 191 -2.48 -13.72 11.91
N MET A 192 -2.09 -13.26 10.72
CA MET A 192 -3.03 -13.18 9.61
C MET A 192 -3.20 -14.52 8.90
N ALA A 193 -2.50 -15.55 9.39
CA ALA A 193 -2.46 -16.86 8.72
C ALA A 193 -3.85 -17.37 8.32
N GLN A 194 -4.71 -17.70 9.28
CA GLN A 194 -6.00 -18.28 8.95
C GLN A 194 -6.84 -17.35 8.10
N PRO A 195 -6.93 -16.06 8.47
CA PRO A 195 -7.51 -15.09 7.54
C PRO A 195 -6.83 -15.07 6.17
N SER A 196 -5.51 -15.04 6.13
CA SER A 196 -4.79 -15.01 4.86
C SER A 196 -4.94 -16.30 4.04
N GLN A 197 -5.38 -17.39 4.65
CA GLN A 197 -5.42 -18.66 3.91
C GLN A 197 -6.76 -18.88 3.19
N SER A 198 -7.85 -18.30 3.68
CA SER A 198 -9.09 -18.38 2.91
C SER A 198 -9.09 -17.44 1.68
N PHE A 199 -8.55 -16.23 1.88
CA PHE A 199 -8.40 -15.25 0.81
C PHE A 199 -7.45 -15.76 -0.27
N ALA A 200 -6.43 -16.51 0.14
CA ALA A 200 -5.48 -17.12 -0.80
C ALA A 200 -6.14 -18.11 -1.73
N GLN A 201 -7.07 -18.89 -1.20
CA GLN A 201 -7.90 -19.77 -2.03
C GLN A 201 -8.55 -18.95 -3.14
N THR A 202 -9.18 -17.84 -2.77
CA THR A 202 -9.75 -16.90 -3.75
C THR A 202 -8.71 -16.37 -4.76
N LEU A 203 -7.54 -15.99 -4.25
CA LEU A 203 -6.51 -15.39 -5.10
C LEU A 203 -5.96 -16.36 -6.14
N THR A 204 -5.66 -17.60 -5.75
CA THR A 204 -5.09 -18.57 -6.68
C THR A 204 -6.01 -18.91 -7.87
N ALA A 205 -7.32 -18.79 -7.69
CA ALA A 205 -8.30 -19.09 -8.76
C ALA A 205 -8.42 -17.96 -9.76
N CYS A 206 -7.67 -16.90 -9.51
CA CYS A 206 -7.75 -15.70 -10.33
C CYS A 206 -6.59 -15.74 -11.31
N HIS A 207 -6.87 -15.61 -12.60
CA HIS A 207 -5.78 -15.63 -13.58
C HIS A 207 -5.03 -14.30 -13.58
N PHE A 208 -3.71 -14.35 -13.49
CA PHE A 208 -2.92 -13.13 -13.52
C PHE A 208 -2.20 -12.98 -14.87
N ASN A 209 -2.43 -11.88 -15.58
CA ASN A 209 -1.64 -11.61 -16.78
C ASN A 209 -0.22 -11.22 -16.39
N ASP A 210 0.70 -11.37 -17.32
CA ASP A 210 2.03 -10.86 -17.09
C ASP A 210 1.94 -9.33 -17.10
N ALA A 211 2.89 -8.69 -16.44
CA ALA A 211 2.86 -7.25 -16.31
C ALA A 211 3.55 -6.58 -17.49
N THR A 212 2.96 -5.46 -17.91
CA THR A 212 3.46 -4.67 -19.01
C THR A 212 4.66 -3.80 -18.60
N VAL A 213 4.90 -3.69 -17.30
CA VAL A 213 6.12 -3.09 -16.75
C VAL A 213 6.57 -3.87 -15.50
N PRO A 214 7.82 -3.67 -15.06
CA PRO A 214 8.25 -4.38 -13.86
C PRO A 214 7.48 -3.96 -12.61
N VAL A 215 6.99 -4.95 -11.87
CA VAL A 215 6.40 -4.74 -10.56
C VAL A 215 7.39 -5.14 -9.47
N LEU A 216 7.62 -4.26 -8.50
CA LEU A 216 8.42 -4.64 -7.33
C LEU A 216 7.51 -4.94 -6.13
N SER A 217 7.36 -6.21 -5.81
CA SER A 217 6.40 -6.60 -4.78
C SER A 217 6.90 -6.52 -3.32
N ASN A 218 5.96 -6.27 -2.41
CA ASN A 218 6.25 -6.04 -1.00
C ASN A 218 7.13 -7.09 -0.33
N VAL A 219 6.83 -8.37 -0.54
CA VAL A 219 7.60 -9.42 0.12
C VAL A 219 8.94 -9.71 -0.58
N ASP A 220 9.09 -9.25 -1.82
CA ASP A 220 10.32 -9.51 -2.57
C ASP A 220 10.48 -8.51 -3.72
N PRO A 221 11.05 -7.34 -3.39
CA PRO A 221 11.06 -6.17 -4.27
C PRO A 221 12.08 -6.25 -5.39
N SER A 222 12.37 -7.45 -5.86
CA SER A 222 13.17 -7.60 -7.06
C SER A 222 12.20 -7.50 -8.22
N PRO A 223 12.54 -6.67 -9.20
CA PRO A 223 11.66 -6.43 -10.35
C PRO A 223 11.30 -7.72 -11.04
N THR A 224 10.01 -7.92 -11.32
CA THR A 224 9.59 -9.01 -12.21
C THR A 224 8.29 -8.68 -12.92
N GLN A 225 7.96 -9.45 -13.95
CA GLN A 225 6.75 -9.21 -14.72
C GLN A 225 5.95 -10.47 -14.94
N ASN A 226 6.45 -11.59 -14.43
CA ASN A 226 5.74 -12.86 -14.54
C ASN A 226 4.46 -12.88 -13.68
N GLY A 227 3.33 -13.16 -14.33
CA GLY A 227 2.04 -13.12 -13.67
C GLY A 227 1.96 -14.06 -12.49
N ASP A 228 2.60 -15.21 -12.61
CA ASP A 228 2.46 -16.24 -11.59
C ASP A 228 3.38 -16.00 -10.40
N ARG A 229 4.56 -15.45 -10.65
CA ARG A 229 5.44 -15.11 -9.57
C ARG A 229 4.81 -13.96 -8.76
N LEU A 230 4.19 -13.00 -9.46
CA LEU A 230 3.52 -11.86 -8.83
C LEU A 230 2.34 -12.28 -7.94
N LYS A 231 1.52 -13.20 -8.43
CA LYS A 231 0.46 -13.78 -7.60
C LYS A 231 1.03 -14.46 -6.36
N GLU A 232 2.10 -15.22 -6.56
CA GLU A 232 2.78 -15.89 -5.46
C GLU A 232 3.25 -14.87 -4.44
N LYS A 233 3.95 -13.84 -4.88
CA LYS A 233 4.38 -12.78 -3.97
C LYS A 233 3.18 -12.08 -3.29
N LEU A 234 2.08 -11.91 -4.01
CA LEU A 234 0.92 -11.22 -3.46
C LEU A 234 0.24 -12.10 -2.39
N ILE A 235 0.07 -13.38 -2.72
CA ILE A 235 -0.47 -14.35 -1.78
C ILE A 235 0.33 -14.38 -0.47
N GLN A 236 1.64 -14.17 -0.58
CA GLN A 236 2.51 -14.13 0.58
C GLN A 236 2.45 -12.79 1.36
N GLN A 237 1.83 -11.77 0.76
CA GLN A 237 1.96 -10.42 1.27
C GLN A 237 1.28 -10.21 2.62
N MET A 238 0.16 -10.88 2.83
CA MET A 238 -0.66 -10.52 3.97
C MET A 238 -0.03 -10.93 5.30
N THR A 239 0.75 -12.01 5.29
CA THR A 239 1.42 -12.49 6.50
C THR A 239 2.88 -12.03 6.57
N GLY A 240 3.32 -11.37 5.51
CA GLY A 240 4.72 -11.04 5.35
C GLY A 240 4.96 -9.57 5.47
N SER A 241 6.24 -9.21 5.57
CA SER A 241 6.65 -7.85 5.83
C SER A 241 6.70 -7.02 4.55
N VAL A 242 6.42 -5.73 4.70
CA VAL A 242 6.51 -4.78 3.61
C VAL A 242 7.92 -4.19 3.56
N ARG A 243 8.69 -4.68 2.60
CA ARG A 243 10.07 -4.27 2.40
C ARG A 243 10.16 -3.03 1.52
N TRP A 244 9.60 -1.91 2.01
CA TRP A 244 9.49 -0.73 1.19
C TRP A 244 10.84 -0.03 1.06
N ARG A 245 11.61 0.00 2.14
CA ARG A 245 12.97 0.54 2.08
C ARG A 245 13.74 -0.06 0.90
N GLU A 246 13.78 -1.39 0.86
CA GLU A 246 14.46 -2.11 -0.21
C GLU A 246 13.81 -1.87 -1.56
N THR A 247 12.53 -1.51 -1.54
CA THR A 247 11.85 -1.26 -2.79
C THR A 247 12.45 -0.01 -3.44
N MET A 248 12.63 1.03 -2.63
CA MET A 248 13.17 2.29 -3.10
C MET A 248 14.63 2.18 -3.55
N VAL A 249 15.43 1.45 -2.80
CA VAL A 249 16.83 1.22 -3.15
C VAL A 249 16.94 0.48 -4.48
N ASN A 250 16.10 -0.54 -4.66
CA ASN A 250 16.09 -1.32 -5.89
C ASN A 250 15.73 -0.48 -7.09
N LEU A 251 14.81 0.46 -6.87
CA LEU A 251 14.37 1.39 -7.89
C LEU A 251 15.53 2.24 -8.34
N GLY A 252 16.09 2.99 -7.39
CA GLY A 252 17.20 3.88 -7.65
C GLY A 252 18.36 3.22 -8.35
N GLU A 253 18.52 1.91 -8.17
CA GLU A 253 19.68 1.20 -8.70
C GLU A 253 19.41 0.41 -9.98
N ILE A 254 18.17 0.06 -10.26
CA ILE A 254 17.90 -0.61 -11.53
C ILE A 254 17.73 0.41 -12.65
N GLY A 255 17.74 1.70 -12.31
CA GLY A 255 17.68 2.74 -13.31
C GLY A 255 16.81 3.97 -13.04
N ALA A 256 15.81 3.82 -12.19
CA ALA A 256 14.79 4.87 -12.03
C ALA A 256 15.35 6.19 -11.54
N THR A 257 15.02 7.26 -12.25
CA THR A 257 15.51 8.61 -11.96
C THR A 257 14.45 9.45 -11.27
N ASP A 258 13.18 9.09 -11.51
CA ASP A 258 12.04 9.81 -10.94
C ASP A 258 11.08 8.87 -10.27
N TYR A 259 10.38 9.42 -9.29
CA TYR A 259 9.59 8.66 -8.34
C TYR A 259 8.28 9.40 -8.09
N TRP A 260 7.17 8.86 -8.59
CA TRP A 260 5.89 9.55 -8.50
C TRP A 260 4.93 8.81 -7.58
N GLU A 261 4.53 9.46 -6.51
CA GLU A 261 3.53 8.90 -5.62
C GLU A 261 2.18 9.20 -6.21
N VAL A 262 1.50 8.15 -6.67
CA VAL A 262 0.22 8.27 -7.33
C VAL A 262 -0.88 7.92 -6.33
N GLY A 263 -1.38 8.93 -5.64
CA GLY A 263 -2.38 8.75 -4.60
C GLY A 263 -2.33 9.92 -3.63
N PRO A 264 -3.21 9.91 -2.62
CA PRO A 264 -3.28 11.01 -1.67
C PRO A 264 -2.11 10.96 -0.70
N GLY A 265 -1.88 12.04 0.04
CA GLY A 265 -0.76 12.08 0.97
C GLY A 265 0.63 12.22 0.39
N LYS A 266 1.60 12.39 1.27
CA LYS A 266 3.01 12.51 0.88
C LYS A 266 3.88 11.46 1.57
N VAL A 267 3.27 10.34 2.00
CA VAL A 267 3.97 9.35 2.81
C VAL A 267 5.12 8.64 2.08
N LEU A 268 4.91 8.25 0.83
CA LEU A 268 5.88 7.42 0.14
C LEU A 268 7.01 8.25 -0.47
N THR A 269 6.74 9.52 -0.74
CA THR A 269 7.81 10.43 -1.15
C THR A 269 8.57 10.92 0.08
N GLY A 270 7.84 11.11 1.18
CA GLY A 270 8.44 11.41 2.46
C GLY A 270 9.47 10.35 2.83
N LEU A 271 9.08 9.09 2.72
CA LEU A 271 9.99 7.97 2.94
C LEU A 271 11.17 8.04 1.99
N CYS A 272 10.88 8.28 0.71
CA CYS A 272 11.94 8.31 -0.30
C CYS A 272 12.98 9.41 -0.06
N LYS A 273 12.55 10.49 0.55
CA LYS A 273 13.45 11.59 0.87
C LYS A 273 14.65 11.08 1.64
N ARG A 274 14.37 10.42 2.76
CA ARG A 274 15.39 9.94 3.67
C ARG A 274 15.87 8.53 3.33
N THR A 275 15.78 8.13 2.06
CA THR A 275 16.27 6.82 1.63
C THR A 275 17.04 6.86 0.32
N CYS A 276 16.44 7.49 -0.70
CA CYS A 276 17.13 7.77 -1.95
C CYS A 276 16.88 9.22 -2.34
N PRO A 277 17.63 10.15 -1.71
CA PRO A 277 17.34 11.59 -1.78
C PRO A 277 17.81 12.24 -3.10
N ASP A 278 18.44 11.45 -3.97
CA ASP A 278 18.84 11.94 -5.29
C ASP A 278 17.76 11.64 -6.33
N LEU A 279 16.64 11.07 -5.88
CA LEU A 279 15.51 10.81 -6.77
C LEU A 279 14.53 11.98 -6.78
N ASN A 280 13.96 12.24 -7.95
CA ASN A 280 13.00 13.33 -8.11
C ASN A 280 11.61 12.87 -7.73
N LEU A 281 10.95 13.66 -6.90
CA LEU A 281 9.65 13.30 -6.35
C LEU A 281 8.50 14.16 -6.89
N LYS A 282 7.43 13.50 -7.33
CA LYS A 282 6.14 14.18 -7.48
C LYS A 282 5.05 13.47 -6.70
N ASN A 283 4.09 14.26 -6.24
CA ASN A 283 2.91 13.73 -5.59
C ASN A 283 1.67 14.02 -6.43
N ILE A 284 1.16 12.97 -7.06
CA ILE A 284 -0.01 13.08 -7.90
C ILE A 284 -1.26 12.44 -7.29
N GLY A 285 -2.02 13.25 -6.54
CA GLY A 285 -3.21 12.77 -5.86
C GLY A 285 -4.39 13.72 -5.97
N GLN A 286 -4.19 14.78 -6.76
CA GLN A 286 -5.26 15.76 -7.01
C GLN A 286 -5.19 16.21 -8.44
N LEU A 287 -6.35 16.62 -8.95
CA LEU A 287 -6.46 17.21 -10.27
C LEU A 287 -5.42 18.33 -10.47
N ASP A 288 -5.21 19.15 -9.45
CA ASP A 288 -4.23 20.23 -9.54
C ASP A 288 -2.82 19.73 -9.84
N ASP A 289 -2.46 18.58 -9.27
CA ASP A 289 -1.18 17.93 -9.56
C ASP A 289 -1.13 17.52 -11.01
N LEU A 290 -2.21 16.92 -11.48
CA LEU A 290 -2.25 16.38 -12.84
C LEU A 290 -2.04 17.47 -13.87
N ASN A 291 -2.61 18.64 -13.57
CA ASN A 291 -2.66 19.74 -14.52
C ASN A 291 -1.30 20.41 -14.74
N SER A 292 -0.41 20.26 -13.77
CA SER A 292 0.94 20.82 -13.84
C SER A 292 1.87 19.91 -14.61
N LEU A 293 1.29 18.87 -15.18
CA LEU A 293 2.03 17.86 -15.90
C LEU A 293 2.98 17.12 -14.97
C ACT B . -2.91 -2.83 5.39
O ACT B . -2.88 -2.91 4.12
OXT ACT B . -3.98 -2.44 5.92
CH3 ACT B . -1.72 -3.19 6.25
#